data_5ZGN
#
_entry.id   5ZGN
#
_cell.length_a   57.046
_cell.length_b   62.044
_cell.length_c   61.994
_cell.angle_alpha   93.83
_cell.angle_beta   93.99
_cell.angle_gamma   93.93
#
_symmetry.space_group_name_H-M   'P 1'
#
loop_
_entity.id
_entity.type
_entity.pdbx_description
1 polymer KacA
2 polymer KacT
3 polymer 'DNA (27-MER)'
4 polymer 'DNA (27-MER)'
5 non-polymer 'SULFATE ION'
6 water water
#
loop_
_entity_poly.entity_id
_entity_poly.type
_entity_poly.pdbx_seq_one_letter_code
_entity_poly.pdbx_strand_id
1 'polypeptide(L)'
;(MSE)PALKKQRIDLRLTDDDKSIIEEAAAISNQTITQFVVASASERAAEVIEQHRR(MSE)VLNEQSWSLV(MSE)EAI
TQPPAPNDRLKRAAKRLQTR
;
A,B,D,E
2 'polypeptide(L)'
;(MSE)EQQLTIE(MSE)IADAFSYDITGFDCGEEALNTFLKEHLKRQHDGQILRGYALVSGDTVPRLLGYYTLSGSCFER
G(MSE)LPSKTQQKKIPYQNAPSVTLGRLAIDKSVQGQGWGE(MSE)LVAHV(MSE)RVVWGASKAVGIYGLFVEALNEK
AKAFYLRLGFIQLVDENSNLLFYPTKSIEQLFTDDES
;
C,F
3 'polydeoxyribonucleotide'
;(DA)(DA)(DA)(DT)(DG)(DT)(DA)(DC)(DG)(DG)(DT)(DT)(DA)(DT)(DT)(DA)(DA)(DC)(DC)(DG)
(DT)(DA)(DC)(DA)(DT)(DG)(DA)
;
G
4 'polydeoxyribonucleotide'
;(DT)(DC)(DA)(DT)(DG)(DT)(DA)(DC)(DG)(DG)(DT)(DT)(DA)(DA)(DT)(DA)(DA)(DC)(DC)(DG)
(DT)(DA)(DC)(DA)(DT)(DT)(DT)
;
H
#
# COMPACT_ATOMS: atom_id res chain seq x y z
N ALA A 3 -26.95 17.28 -8.53
CA ALA A 3 -25.65 17.87 -8.26
C ALA A 3 -24.88 18.10 -9.56
N LEU A 4 -24.61 19.37 -9.85
CA LEU A 4 -23.90 19.73 -11.07
C LEU A 4 -22.39 19.54 -10.91
N LYS A 5 -21.71 19.34 -12.04
CA LYS A 5 -20.26 19.25 -12.07
C LYS A 5 -19.67 20.65 -12.28
N LYS A 6 -19.80 21.45 -11.22
CA LYS A 6 -19.45 22.86 -11.26
C LYS A 6 -18.01 23.15 -10.87
N GLN A 7 -17.27 22.16 -10.37
CA GLN A 7 -15.88 22.37 -10.02
C GLN A 7 -14.96 21.77 -11.07
N ARG A 8 -13.70 22.18 -11.02
CA ARG A 8 -12.72 21.75 -12.00
C ARG A 8 -11.42 21.37 -11.38
N ILE A 9 -10.62 20.61 -12.13
CA ILE A 9 -9.32 20.15 -11.73
C ILE A 9 -8.53 19.91 -13.00
N ASP A 10 -7.28 20.32 -13.03
CA ASP A 10 -6.46 20.04 -14.18
C ASP A 10 -5.16 19.44 -13.75
N LEU A 11 -4.76 18.39 -14.43
CA LEU A 11 -3.53 17.71 -14.12
C LEU A 11 -2.50 17.79 -15.22
N ARG A 12 -1.28 18.08 -14.84
CA ARG A 12 -0.19 18.11 -15.76
C ARG A 12 0.54 16.83 -15.43
N LEU A 13 0.77 15.99 -16.41
CA LEU A 13 1.36 14.68 -16.16
C LEU A 13 2.19 14.25 -17.37
N THR A 14 2.98 13.21 -17.15
CA THR A 14 3.83 12.66 -18.19
C THR A 14 2.98 12.07 -19.31
N ASP A 15 3.65 11.74 -20.42
CA ASP A 15 2.94 11.07 -21.52
C ASP A 15 2.62 9.63 -21.15
N ASP A 16 3.45 9.00 -20.30
CA ASP A 16 3.21 7.62 -19.92
C ASP A 16 2.05 7.50 -18.94
N ASP A 17 1.91 8.45 -18.02
CA ASP A 17 0.77 8.43 -17.10
C ASP A 17 -0.53 8.70 -17.84
N LYS A 18 -0.49 9.60 -18.83
CA LYS A 18 -1.69 9.94 -19.59
C LYS A 18 -2.07 8.83 -20.56
N SER A 19 -1.08 8.11 -21.10
CA SER A 19 -1.39 7.04 -22.04
C SER A 19 -2.00 5.84 -21.32
N ILE A 20 -1.45 5.47 -20.15
CA ILE A 20 -2.00 4.34 -19.41
C ILE A 20 -3.38 4.68 -18.84
N ILE A 21 -3.62 5.96 -18.51
CA ILE A 21 -4.95 6.34 -18.04
C ILE A 21 -5.95 6.37 -19.19
N GLU A 22 -5.54 6.92 -20.34
CA GLU A 22 -6.41 6.95 -21.51
C GLU A 22 -6.80 5.54 -21.94
N GLU A 23 -5.83 4.64 -22.04
CA GLU A 23 -6.10 3.32 -22.57
C GLU A 23 -6.82 2.43 -21.57
N ALA A 24 -6.57 2.62 -20.27
CA ALA A 24 -7.36 1.90 -19.28
C ALA A 24 -8.80 2.37 -19.26
N ALA A 25 -9.03 3.66 -19.46
CA ALA A 25 -10.38 4.17 -19.62
C ALA A 25 -11.03 3.61 -20.89
N ALA A 26 -10.23 3.44 -21.95
CA ALA A 26 -10.74 2.83 -23.17
C ALA A 26 -11.12 1.37 -22.94
N ILE A 27 -10.28 0.63 -22.20
CA ILE A 27 -10.61 -0.75 -21.88
C ILE A 27 -11.90 -0.81 -21.04
N SER A 28 -12.01 0.08 -20.05
CA SER A 28 -13.21 0.13 -19.22
C SER A 28 -14.39 0.75 -19.94
N ASN A 29 -14.20 1.28 -21.15
CA ASN A 29 -15.24 1.98 -21.90
C ASN A 29 -15.87 3.10 -21.07
N GLN A 30 -15.01 3.91 -20.45
CA GLN A 30 -15.42 5.08 -19.71
C GLN A 30 -14.65 6.28 -20.23
N THR A 31 -15.30 7.44 -20.24
CA THR A 31 -14.59 8.67 -20.56
C THR A 31 -13.47 8.90 -19.56
N ILE A 32 -12.50 9.73 -19.96
CA ILE A 32 -11.39 10.07 -19.07
C ILE A 32 -11.90 10.68 -17.77
N THR A 33 -13.00 11.43 -17.83
CA THR A 33 -13.54 12.06 -16.63
C THR A 33 -14.06 11.02 -15.64
N GLN A 34 -14.91 10.10 -16.12
CA GLN A 34 -15.41 9.03 -15.25
C GLN A 34 -14.26 8.25 -14.62
N PHE A 35 -13.36 7.72 -15.45
CA PHE A 35 -12.28 6.87 -14.93
C PHE A 35 -11.44 7.61 -13.90
N VAL A 36 -11.10 8.88 -14.16
CA VAL A 36 -10.18 9.60 -13.29
C VAL A 36 -10.88 10.02 -11.99
N VAL A 37 -12.07 10.61 -12.11
CA VAL A 37 -12.74 11.13 -10.92
C VAL A 37 -13.25 9.99 -10.04
N ALA A 38 -13.74 8.91 -10.67
CA ALA A 38 -14.20 7.77 -9.88
C ALA A 38 -13.05 7.10 -9.15
N SER A 39 -11.91 6.91 -9.83
CA SER A 39 -10.76 6.30 -9.16
C SER A 39 -10.29 7.15 -7.99
N ALA A 40 -10.24 8.46 -8.17
CA ALA A 40 -9.75 9.34 -7.12
C ALA A 40 -10.75 9.46 -5.97
N SER A 41 -12.05 9.50 -6.28
CA SER A 41 -13.04 9.76 -5.25
C SER A 41 -13.28 8.56 -4.33
N GLU A 42 -13.22 7.33 -4.85
CA GLU A 42 -13.33 6.19 -3.96
C GLU A 42 -12.02 5.87 -3.26
N ARG A 43 -10.89 6.24 -3.85
CA ARG A 43 -9.64 6.23 -3.10
C ARG A 43 -9.67 7.30 -2.02
N ALA A 44 -10.31 8.44 -2.29
CA ALA A 44 -10.42 9.49 -1.28
C ALA A 44 -11.29 9.04 -0.12
N ALA A 45 -12.42 8.38 -0.40
CA ALA A 45 -13.29 7.89 0.66
C ALA A 45 -12.58 6.86 1.53
N GLU A 46 -11.73 6.04 0.93
CA GLU A 46 -10.97 5.06 1.71
C GLU A 46 -9.98 5.75 2.64
N VAL A 47 -9.31 6.80 2.15
CA VAL A 47 -8.35 7.52 2.98
C VAL A 47 -9.08 8.29 4.09
N ILE A 48 -10.28 8.80 3.79
CA ILE A 48 -11.03 9.54 4.79
C ILE A 48 -11.52 8.61 5.89
N GLU A 49 -12.01 7.43 5.49
CA GLU A 49 -12.51 6.45 6.45
C GLU A 49 -11.39 5.94 7.35
N GLN A 50 -10.24 5.61 6.76
CA GLN A 50 -9.11 5.11 7.54
C GLN A 50 -8.58 6.18 8.49
N HIS A 51 -8.49 7.43 8.02
CA HIS A 51 -8.04 8.51 8.89
C HIS A 51 -9.02 8.75 10.04
N ARG A 52 -10.32 8.57 9.81
CA ARG A 52 -11.28 8.79 10.88
C ARG A 52 -11.15 7.71 11.96
N ARG A 53 -10.86 6.47 11.55
CA ARG A 53 -10.66 5.41 12.54
C ARG A 53 -9.34 5.60 13.28
N VAL A 55 -7.81 8.51 13.91
CA VAL A 55 -7.93 9.64 14.82
C VAL A 55 -8.66 9.22 16.10
N LEU A 56 -9.77 8.51 15.96
CA LEU A 56 -10.52 8.05 17.13
C LEU A 56 -9.76 7.00 17.93
N ASN A 57 -8.97 6.16 17.25
CA ASN A 57 -8.10 5.23 17.96
C ASN A 57 -7.02 5.98 18.74
N GLU A 58 -6.40 6.98 18.10
CA GLU A 58 -5.34 7.73 18.76
C GLU A 58 -5.86 8.50 19.96
N GLN A 59 -7.06 9.06 19.85
CA GLN A 59 -7.66 9.75 21.00
C GLN A 59 -7.95 8.76 22.13
N SER A 60 -8.37 7.54 21.79
CA SER A 60 -8.57 6.51 22.80
C SER A 60 -7.28 6.22 23.55
N TRP A 61 -6.16 6.13 22.83
CA TRP A 61 -4.87 5.93 23.48
C TRP A 61 -4.48 7.13 24.35
N SER A 62 -4.92 8.34 23.98
CA SER A 62 -4.56 9.53 24.74
C SER A 62 -5.24 9.59 26.11
N LEU A 63 -6.37 8.90 26.30
CA LEU A 63 -6.96 8.83 27.63
C LEU A 63 -6.08 8.06 28.59
N VAL A 64 -5.54 6.93 28.13
CA VAL A 64 -4.64 6.15 28.98
C VAL A 64 -3.37 6.95 29.26
N GLU A 66 -3.17 10.26 29.47
CA GLU A 66 -3.50 11.26 30.48
C GLU A 66 -3.73 10.63 31.84
N ALA A 67 -4.21 9.38 31.87
CA ALA A 67 -4.44 8.68 33.13
C ALA A 67 -3.13 8.41 33.86
N ILE A 68 -2.06 8.13 33.12
CA ILE A 68 -0.76 7.83 33.73
C ILE A 68 0.10 9.09 33.80
N THR A 69 -0.52 10.25 33.59
CA THR A 69 0.19 11.53 33.65
C THR A 69 -0.15 12.18 34.99
N GLN A 70 0.73 12.02 35.96
CA GLN A 70 0.50 12.48 37.33
C GLN A 70 1.74 13.18 37.85
N PRO A 71 1.68 14.49 38.15
CA PRO A 71 2.81 15.19 38.75
C PRO A 71 3.17 14.63 40.12
N LYS B 5 6.55 15.99 -18.65
CA LYS B 5 5.26 16.40 -18.11
C LYS B 5 4.59 17.42 -19.01
N LYS B 6 4.35 17.04 -20.26
CA LYS B 6 3.82 17.94 -21.27
C LYS B 6 2.35 17.70 -21.62
N GLN B 7 1.77 16.72 -20.97
CA GLN B 7 0.39 16.38 -21.20
C GLN B 7 -0.50 16.90 -20.09
N ARG B 8 -1.78 16.77 -20.29
CA ARG B 8 -2.72 17.24 -19.31
C ARG B 8 -4.04 16.55 -19.43
N ILE B 9 -4.81 16.65 -18.35
CA ILE B 9 -6.14 16.11 -18.23
C ILE B 9 -6.98 17.17 -17.54
N ASP B 10 -8.12 17.50 -18.11
CA ASP B 10 -9.01 18.49 -17.53
C ASP B 10 -10.26 17.77 -17.04
N LEU B 11 -10.74 18.13 -15.85
CA LEU B 11 -11.85 17.46 -15.18
C LEU B 11 -12.93 18.47 -14.81
N ARG B 12 -14.17 18.06 -15.00
CA ARG B 12 -15.31 18.65 -14.31
C ARG B 12 -15.82 17.64 -13.29
N LEU B 13 -16.16 18.12 -12.09
CA LEU B 13 -16.67 17.24 -11.05
C LEU B 13 -17.54 18.03 -10.09
N THR B 14 -18.32 17.30 -9.30
CA THR B 14 -19.20 17.91 -8.32
C THR B 14 -18.38 18.50 -7.17
N ASP B 15 -19.04 19.37 -6.39
CA ASP B 15 -18.42 19.90 -5.18
C ASP B 15 -18.11 18.79 -4.20
N ASP B 16 -18.98 17.77 -4.13
CA ASP B 16 -18.78 16.67 -3.21
C ASP B 16 -17.51 15.90 -3.55
N ASP B 17 -17.35 15.51 -4.82
CA ASP B 17 -16.15 14.78 -5.22
C ASP B 17 -14.90 15.64 -5.06
N LYS B 18 -14.98 16.91 -5.44
CA LYS B 18 -13.83 17.81 -5.31
C LYS B 18 -13.44 17.99 -3.85
N SER B 19 -14.42 18.12 -2.96
CA SER B 19 -14.12 18.38 -1.55
C SER B 19 -13.45 17.17 -0.89
N ILE B 20 -13.99 15.97 -1.14
CA ILE B 20 -13.42 14.79 -0.49
C ILE B 20 -12.05 14.46 -1.05
N ILE B 21 -11.78 14.83 -2.31
CA ILE B 21 -10.44 14.65 -2.86
C ILE B 21 -9.47 15.63 -2.22
N GLU B 22 -9.91 16.89 -2.05
CA GLU B 22 -9.05 17.89 -1.42
C GLU B 22 -8.67 17.49 -0.01
N GLU B 23 -9.61 16.89 0.73
CA GLU B 23 -9.36 16.55 2.12
C GLU B 23 -8.58 15.25 2.25
N ALA B 24 -8.77 14.32 1.32
CA ALA B 24 -7.94 13.11 1.31
C ALA B 24 -6.52 13.42 0.87
N ALA B 25 -6.34 14.40 -0.02
CA ALA B 25 -5.00 14.83 -0.40
C ALA B 25 -4.29 15.50 0.77
N ALA B 26 -5.02 16.32 1.53
CA ALA B 26 -4.45 16.97 2.71
C ALA B 26 -4.07 15.93 3.77
N ILE B 27 -4.95 14.95 4.01
CA ILE B 27 -4.63 13.89 4.97
C ILE B 27 -3.38 13.12 4.53
N SER B 28 -3.26 12.85 3.23
CA SER B 28 -2.15 12.10 2.69
C SER B 28 -0.88 12.92 2.52
N ASN B 29 -0.92 14.23 2.83
CA ASN B 29 0.21 15.13 2.64
C ASN B 29 0.62 15.15 1.16
N GLN B 30 -0.37 15.37 0.30
CA GLN B 30 -0.19 15.31 -1.15
C GLN B 30 -0.97 16.45 -1.79
N THR B 31 -0.47 16.96 -2.91
CA THR B 31 -1.25 17.90 -3.70
C THR B 31 -2.47 17.19 -4.28
N ILE B 32 -3.42 18.00 -4.75
CA ILE B 32 -4.57 17.45 -5.46
C ILE B 32 -4.11 16.65 -6.68
N THR B 33 -3.15 17.20 -7.45
CA THR B 33 -2.72 16.53 -8.68
C THR B 33 -2.00 15.21 -8.38
N GLN B 34 -1.15 15.18 -7.35
CA GLN B 34 -0.48 13.94 -6.98
C GLN B 34 -1.50 12.87 -6.57
N PHE B 35 -2.47 13.25 -5.74
CA PHE B 35 -3.45 12.28 -5.25
C PHE B 35 -4.29 11.72 -6.40
N VAL B 36 -4.69 12.57 -7.34
CA VAL B 36 -5.57 12.14 -8.42
C VAL B 36 -4.81 11.30 -9.43
N VAL B 37 -3.61 11.75 -9.83
CA VAL B 37 -2.82 11.00 -10.79
C VAL B 37 -2.44 9.64 -10.23
N ALA B 38 -2.04 9.59 -8.96
CA ALA B 38 -1.67 8.32 -8.35
C ALA B 38 -2.87 7.39 -8.25
N SER B 39 -4.05 7.92 -7.89
CA SER B 39 -5.24 7.09 -7.80
C SER B 39 -5.65 6.57 -9.17
N ALA B 40 -5.57 7.41 -10.20
CA ALA B 40 -6.01 6.99 -11.53
C ALA B 40 -5.01 6.05 -12.19
N SER B 41 -3.71 6.32 -12.04
CA SER B 41 -2.71 5.48 -12.70
C SER B 41 -2.57 4.14 -12.00
N GLU B 42 -2.72 4.09 -10.68
CA GLU B 42 -2.73 2.81 -9.98
C GLU B 42 -3.92 1.96 -10.40
N ARG B 43 -5.09 2.58 -10.57
CA ARG B 43 -6.24 1.82 -11.01
C ARG B 43 -6.13 1.47 -12.49
N ALA B 44 -5.43 2.30 -13.26
CA ALA B 44 -5.16 1.97 -14.66
C ALA B 44 -4.32 0.71 -14.78
N ALA B 45 -3.23 0.63 -14.00
CA ALA B 45 -2.37 -0.55 -14.06
C ALA B 45 -3.13 -1.82 -13.65
N GLU B 46 -4.09 -1.69 -12.74
CA GLU B 46 -4.91 -2.83 -12.37
C GLU B 46 -5.81 -3.25 -13.52
N VAL B 47 -6.45 -2.29 -14.18
CA VAL B 47 -7.30 -2.59 -15.32
C VAL B 47 -6.50 -3.22 -16.44
N ILE B 48 -5.31 -2.66 -16.73
CA ILE B 48 -4.52 -3.16 -17.85
C ILE B 48 -4.03 -4.58 -17.61
N GLU B 49 -3.59 -4.88 -16.38
CA GLU B 49 -3.04 -6.21 -16.14
C GLU B 49 -4.14 -7.26 -16.08
N GLN B 50 -5.31 -6.90 -15.54
CA GLN B 50 -6.44 -7.82 -15.61
C GLN B 50 -6.90 -8.05 -17.05
N HIS B 51 -6.62 -7.08 -17.93
CA HIS B 51 -7.04 -7.21 -19.32
C HIS B 51 -6.12 -8.12 -20.13
N ARG B 52 -4.84 -8.20 -19.79
CA ARG B 52 -3.90 -9.02 -20.55
C ARG B 52 -3.59 -10.36 -19.92
N ARG B 53 -3.89 -10.54 -18.64
CA ARG B 53 -3.58 -11.79 -17.97
C ARG B 53 -4.78 -12.71 -17.82
N VAL B 55 -6.00 -15.92 -16.25
CA VAL B 55 -5.78 -16.98 -15.26
C VAL B 55 -6.75 -18.12 -15.58
N LEU B 56 -6.20 -19.22 -16.08
CA LEU B 56 -7.00 -20.37 -16.51
C LEU B 56 -7.04 -21.42 -15.42
N ASN B 57 -8.24 -21.96 -15.19
CA ASN B 57 -8.38 -23.13 -14.34
C ASN B 57 -7.82 -24.36 -15.05
N GLU B 58 -7.86 -25.51 -14.37
CA GLU B 58 -7.15 -26.68 -14.86
C GLU B 58 -7.86 -27.31 -16.06
N GLN B 59 -9.20 -27.22 -16.11
CA GLN B 59 -9.93 -27.73 -17.27
C GLN B 59 -9.74 -26.84 -18.48
N SER B 60 -9.83 -25.52 -18.30
CA SER B 60 -9.62 -24.59 -19.40
C SER B 60 -8.18 -24.64 -19.90
N TRP B 61 -7.22 -24.74 -18.97
CA TRP B 61 -5.82 -24.87 -19.37
C TRP B 61 -5.61 -26.13 -20.22
N SER B 62 -6.27 -27.23 -19.87
CA SER B 62 -6.12 -28.45 -20.65
C SER B 62 -6.70 -28.30 -22.05
N LEU B 63 -7.82 -27.59 -22.17
CA LEU B 63 -8.42 -27.36 -23.48
C LEU B 63 -7.49 -26.54 -24.38
N VAL B 64 -6.81 -25.56 -23.79
CA VAL B 64 -5.85 -24.78 -24.55
C VAL B 64 -4.66 -25.63 -24.97
N GLU B 66 -4.59 -28.87 -25.37
CA GLU B 66 -5.05 -29.80 -26.40
C GLU B 66 -5.13 -29.10 -27.75
N ALA B 67 -5.62 -27.86 -27.77
CA ALA B 67 -5.68 -27.11 -29.02
C ALA B 67 -4.29 -26.80 -29.56
N ILE B 68 -3.30 -26.63 -28.67
CA ILE B 68 -1.95 -26.30 -29.11
C ILE B 68 -1.25 -27.54 -29.67
N THR B 69 -1.31 -28.65 -28.92
CA THR B 69 -0.60 -29.86 -29.34
C THR B 69 -1.31 -30.58 -30.48
N GLN B 70 -2.65 -30.53 -30.52
CA GLN B 70 -3.44 -31.18 -31.56
C GLN B 70 -4.31 -30.11 -32.21
N PRO B 71 -3.73 -29.27 -33.06
CA PRO B 71 -4.48 -28.14 -33.62
C PRO B 71 -5.52 -28.61 -34.62
N PRO B 72 -6.75 -28.10 -34.51
CA PRO B 72 -7.78 -28.45 -35.49
C PRO B 72 -7.48 -27.84 -36.85
N ALA B 73 -8.02 -28.47 -37.88
CA ALA B 73 -7.99 -27.87 -39.21
C ALA B 73 -9.09 -26.81 -39.33
N PRO B 74 -8.80 -25.66 -39.94
CA PRO B 74 -9.82 -24.62 -40.05
C PRO B 74 -11.04 -25.11 -40.83
N ASN B 75 -12.22 -24.72 -40.36
CA ASN B 75 -13.44 -25.17 -41.00
C ASN B 75 -13.65 -24.44 -42.32
N ASP B 76 -14.73 -24.82 -43.02
CA ASP B 76 -14.97 -24.27 -44.35
C ASP B 76 -15.31 -22.78 -44.29
N ARG B 77 -16.10 -22.37 -43.29
CA ARG B 77 -16.48 -20.96 -43.17
C ARG B 77 -15.28 -20.08 -42.88
N LEU B 78 -14.37 -20.54 -42.00
CA LEU B 78 -13.16 -19.77 -41.73
C LEU B 78 -12.26 -19.75 -42.96
N LYS B 79 -12.13 -20.90 -43.63
CA LYS B 79 -11.40 -20.95 -44.89
C LYS B 79 -12.02 -19.99 -45.89
N ARG B 80 -13.35 -19.91 -45.92
CA ARG B 80 -14.05 -18.99 -46.83
C ARG B 80 -13.77 -17.53 -46.47
N ALA B 81 -13.60 -17.23 -45.18
CA ALA B 81 -13.35 -15.84 -44.80
C ALA B 81 -11.95 -15.37 -45.22
N ALA B 82 -10.96 -16.26 -45.12
CA ALA B 82 -9.61 -15.96 -45.58
C ALA B 82 -9.56 -15.92 -47.10
N LYS B 83 -10.52 -16.50 -47.79
CA LYS B 83 -10.44 -16.37 -49.23
C LYS B 83 -10.80 -14.94 -49.61
N ARG B 84 -11.90 -14.41 -49.09
CA ARG B 84 -12.22 -13.03 -49.45
C ARG B 84 -11.17 -12.03 -48.97
N LEU B 85 -10.46 -12.34 -47.89
CA LEU B 85 -9.40 -11.44 -47.45
C LEU B 85 -8.27 -11.38 -48.45
N GLN B 86 -7.98 -12.49 -49.13
CA GLN B 86 -6.89 -12.54 -50.11
C GLN B 86 -7.44 -12.40 -51.53
N GLN C 4 -15.43 -0.92 -52.62
CA GLN C 4 -13.99 -1.10 -52.55
C GLN C 4 -13.47 -0.93 -51.14
N LEU C 5 -13.85 -1.85 -50.26
CA LEU C 5 -13.43 -1.77 -48.86
C LEU C 5 -12.04 -2.36 -48.67
N THR C 6 -11.30 -1.76 -47.74
CA THR C 6 -9.95 -2.18 -47.42
C THR C 6 -9.80 -2.21 -45.90
N ILE C 7 -8.92 -3.09 -45.42
CA ILE C 7 -8.63 -3.20 -43.99
C ILE C 7 -7.25 -2.60 -43.75
N GLU C 8 -7.18 -1.56 -42.92
CA GLU C 8 -5.91 -0.93 -42.61
C GLU C 8 -5.82 -0.65 -41.11
N ILE C 10 -5.34 1.63 -37.76
CA ILE C 10 -5.63 2.96 -37.26
C ILE C 10 -4.30 3.60 -36.83
N ALA C 11 -3.83 4.57 -37.60
CA ALA C 11 -2.52 5.16 -37.37
C ALA C 11 -2.63 6.37 -36.44
N ASP C 12 -1.57 7.20 -36.42
CA ASP C 12 -1.57 8.40 -35.59
C ASP C 12 -2.77 9.29 -35.89
N ALA C 13 -3.00 9.58 -37.18
CA ALA C 13 -3.94 10.63 -37.55
C ALA C 13 -5.37 10.30 -37.14
N PHE C 14 -5.86 9.13 -37.54
CA PHE C 14 -7.29 8.84 -37.55
C PHE C 14 -8.03 9.97 -38.26
N SER C 15 -7.99 9.94 -39.59
CA SER C 15 -8.71 10.91 -40.40
C SER C 15 -9.82 10.20 -41.17
N TYR C 16 -10.74 9.57 -40.45
CA TYR C 16 -11.81 8.79 -41.04
C TYR C 16 -13.16 9.48 -40.83
N ASP C 17 -14.07 9.27 -41.78
CA ASP C 17 -15.43 9.76 -41.63
C ASP C 17 -16.23 8.71 -40.88
N ILE C 18 -16.48 8.98 -39.60
CA ILE C 18 -17.22 8.06 -38.75
C ILE C 18 -18.62 8.60 -38.40
N THR C 19 -19.06 9.67 -39.09
CA THR C 19 -20.38 10.25 -38.88
C THR C 19 -21.48 9.25 -39.25
N GLY C 20 -22.46 9.08 -38.37
CA GLY C 20 -23.51 8.12 -38.62
C GLY C 20 -23.07 6.70 -38.41
N PHE C 21 -21.93 6.43 -37.79
CA PHE C 21 -21.55 5.05 -37.58
C PHE C 21 -22.42 4.44 -36.53
N ASP C 22 -22.88 3.23 -36.73
CA ASP C 22 -23.68 2.57 -35.75
C ASP C 22 -23.54 1.11 -36.00
N CYS C 23 -23.30 0.34 -34.96
CA CYS C 23 -23.11 -1.08 -35.10
C CYS C 23 -24.21 -1.92 -34.47
N GLY C 24 -25.19 -1.28 -33.88
CA GLY C 24 -26.28 -1.98 -33.19
C GLY C 24 -26.13 -1.97 -31.68
N GLU C 25 -24.88 -1.93 -31.21
CA GLU C 25 -24.52 -1.88 -29.77
C GLU C 25 -23.88 -0.54 -29.46
N GLU C 26 -24.53 0.28 -28.66
CA GLU C 26 -23.99 1.62 -28.41
C GLU C 26 -22.66 1.58 -27.69
N ALA C 27 -22.40 0.52 -26.90
CA ALA C 27 -21.12 0.42 -26.20
C ALA C 27 -19.95 0.39 -27.16
N LEU C 28 -20.06 -0.36 -28.26
CA LEU C 28 -19.01 -0.34 -29.27
C LEU C 28 -19.07 0.91 -30.13
N ASN C 29 -20.23 1.57 -30.17
CA ASN C 29 -20.28 2.86 -30.86
C ASN C 29 -19.55 3.91 -30.05
N THR C 30 -19.89 4.06 -28.76
CA THR C 30 -19.25 5.09 -27.96
C THR C 30 -17.76 4.86 -27.83
N PHE C 31 -17.32 3.61 -27.84
CA PHE C 31 -15.89 3.33 -27.83
C PHE C 31 -15.20 3.90 -29.06
N LEU C 32 -15.91 3.98 -30.20
CA LEU C 32 -15.31 4.57 -31.39
C LEU C 32 -15.25 6.09 -31.27
N LYS C 33 -16.30 6.72 -30.85
CA LYS C 33 -16.25 8.15 -30.80
C LYS C 33 -15.47 8.72 -29.65
N GLU C 34 -15.33 7.97 -28.57
CA GLU C 34 -14.72 8.51 -27.37
C GLU C 34 -13.37 7.90 -27.03
N HIS C 35 -12.83 7.01 -27.87
CA HIS C 35 -11.54 6.41 -27.57
C HIS C 35 -10.66 6.24 -28.81
N LEU C 36 -11.16 5.53 -29.82
CA LEU C 36 -10.38 5.31 -31.03
C LEU C 36 -10.10 6.62 -31.77
N LYS C 37 -11.07 7.52 -31.77
CA LYS C 37 -10.88 8.80 -32.47
C LYS C 37 -9.94 9.72 -31.70
N ARG C 38 -9.72 9.47 -30.42
CA ARG C 38 -8.79 10.26 -29.62
C ARG C 38 -7.42 9.63 -29.52
N GLN C 39 -7.17 8.59 -30.31
CA GLN C 39 -5.89 7.87 -30.26
C GLN C 39 -5.62 7.37 -28.84
N HIS C 40 -6.67 6.82 -28.21
CA HIS C 40 -6.52 6.16 -26.91
C HIS C 40 -6.03 4.73 -27.14
N ASP C 41 -4.87 4.66 -27.79
CA ASP C 41 -4.29 3.40 -28.23
C ASP C 41 -2.85 3.68 -28.64
N GLY C 42 -2.09 2.61 -28.85
CA GLY C 42 -0.70 2.69 -29.28
C GLY C 42 0.26 1.99 -28.34
N GLN C 43 -0.09 1.89 -27.06
CA GLN C 43 0.73 1.21 -26.05
C GLN C 43 0.17 -0.13 -25.60
N ILE C 44 -1.14 -0.22 -25.49
CA ILE C 44 -1.75 -1.46 -25.10
C ILE C 44 -2.75 -1.95 -26.14
N LEU C 45 -3.57 -1.06 -26.66
CA LEU C 45 -4.54 -1.45 -27.67
C LEU C 45 -4.10 -1.08 -29.05
N ARG C 46 -4.30 -1.96 -30.00
CA ARG C 46 -3.98 -1.68 -31.39
C ARG C 46 -5.26 -1.83 -32.17
N GLY C 47 -5.61 -0.84 -32.97
CA GLY C 47 -6.87 -0.90 -33.70
C GLY C 47 -6.61 -1.04 -35.19
N TYR C 48 -7.45 -1.84 -35.85
CA TYR C 48 -7.48 -1.92 -37.30
C TYR C 48 -8.87 -1.51 -37.75
N ALA C 49 -8.98 -1.02 -38.98
CA ALA C 49 -10.20 -0.36 -39.44
C ALA C 49 -10.60 -0.88 -40.82
N LEU C 50 -11.88 -1.16 -40.97
CA LEU C 50 -12.49 -1.46 -42.26
C LEU C 50 -12.94 -0.15 -42.87
N VAL C 51 -12.27 0.29 -43.93
CA VAL C 51 -12.45 1.63 -44.47
C VAL C 51 -12.92 1.55 -45.91
N SER C 52 -13.63 2.59 -46.34
CA SER C 52 -14.12 2.70 -47.70
C SER C 52 -13.09 3.40 -48.59
N GLY C 53 -13.41 3.44 -49.89
CA GLY C 53 -12.51 4.05 -50.86
C GLY C 53 -12.90 5.47 -51.25
N ASP C 54 -13.71 6.13 -50.42
CA ASP C 54 -14.13 7.48 -50.69
C ASP C 54 -12.96 8.46 -50.54
N THR C 55 -13.17 9.70 -50.98
CA THR C 55 -12.11 10.70 -50.92
C THR C 55 -11.69 10.99 -49.48
N VAL C 56 -12.64 10.95 -48.56
CA VAL C 56 -12.35 10.84 -47.14
C VAL C 56 -12.85 9.46 -46.69
N PRO C 57 -11.95 8.53 -46.33
CA PRO C 57 -12.38 7.15 -46.11
C PRO C 57 -13.31 7.03 -44.91
N ARG C 58 -14.41 6.32 -45.11
CA ARG C 58 -15.41 6.09 -44.09
C ARG C 58 -15.08 4.82 -43.33
N LEU C 59 -15.31 4.82 -42.02
CA LEU C 59 -15.07 3.67 -41.18
C LEU C 59 -16.37 2.89 -41.02
N LEU C 60 -16.37 1.63 -41.48
CA LEU C 60 -17.53 0.75 -41.38
C LEU C 60 -17.23 -0.49 -40.54
N GLY C 61 -16.09 -0.54 -39.88
CA GLY C 61 -15.78 -1.64 -39.00
C GLY C 61 -14.42 -1.43 -38.37
N TYR C 62 -14.21 -2.12 -37.26
CA TYR C 62 -12.93 -2.03 -36.55
C TYR C 62 -12.82 -3.19 -35.58
N TYR C 63 -11.58 -3.44 -35.14
CA TYR C 63 -11.32 -4.33 -34.03
C TYR C 63 -10.10 -3.82 -33.29
N THR C 64 -9.97 -4.26 -32.03
CA THR C 64 -8.84 -3.92 -31.19
C THR C 64 -8.10 -5.19 -30.79
N LEU C 65 -6.77 -5.13 -30.82
CA LEU C 65 -5.92 -6.24 -30.42
C LEU C 65 -5.00 -5.80 -29.28
N SER C 66 -4.65 -6.76 -28.44
CA SER C 66 -3.75 -6.51 -27.32
C SER C 66 -2.92 -7.76 -27.06
N GLY C 67 -1.63 -7.55 -26.78
CA GLY C 67 -0.81 -8.65 -26.31
C GLY C 67 -1.33 -9.16 -24.97
N SER C 68 -1.32 -10.47 -24.81
CA SER C 68 -1.86 -11.11 -23.61
C SER C 68 -1.00 -12.32 -23.25
N CYS C 69 -1.37 -12.97 -22.16
CA CYS C 69 -0.73 -14.21 -21.74
C CYS C 69 -1.72 -15.00 -20.91
N PHE C 70 -1.63 -16.33 -21.00
CA PHE C 70 -2.49 -17.22 -20.24
C PHE C 70 -1.64 -18.05 -19.29
N GLU C 71 -2.15 -18.27 -18.08
CA GLU C 71 -1.41 -18.94 -17.03
C GLU C 71 -2.22 -20.05 -16.43
N ARG C 72 -1.53 -20.92 -15.70
CA ARG C 72 -2.14 -22.03 -14.99
C ARG C 72 -2.28 -21.65 -13.53
N GLY C 73 -3.52 -21.48 -13.07
CA GLY C 73 -3.76 -21.11 -11.69
C GLY C 73 -5.19 -21.33 -11.24
N GLN C 87 2.81 -21.99 -14.69
CA GLN C 87 3.49 -21.63 -15.92
C GLN C 87 2.81 -20.46 -16.61
N ASN C 88 3.47 -19.87 -17.61
CA ASN C 88 2.98 -18.68 -18.27
C ASN C 88 3.38 -18.74 -19.74
N ALA C 89 2.43 -18.50 -20.63
CA ALA C 89 2.67 -18.52 -22.07
C ALA C 89 1.99 -17.32 -22.72
N PRO C 90 2.65 -16.69 -23.68
CA PRO C 90 2.10 -15.47 -24.29
C PRO C 90 1.06 -15.80 -25.35
N SER C 91 0.19 -14.83 -25.59
CA SER C 91 -0.90 -14.98 -26.55
C SER C 91 -1.34 -13.60 -27.03
N VAL C 92 -2.39 -13.58 -27.84
CA VAL C 92 -3.00 -12.35 -28.34
C VAL C 92 -4.48 -12.41 -28.06
N THR C 93 -5.06 -11.28 -27.64
CA THR C 93 -6.47 -11.21 -27.27
C THR C 93 -7.19 -10.21 -28.17
N LEU C 94 -8.27 -10.67 -28.80
CA LEU C 94 -9.13 -9.80 -29.57
C LEU C 94 -10.17 -9.19 -28.64
N GLY C 95 -10.12 -7.88 -28.47
CA GLY C 95 -11.03 -7.20 -27.57
C GLY C 95 -12.37 -6.92 -28.20
N ARG C 96 -12.55 -5.72 -28.72
CA ARG C 96 -13.81 -5.31 -29.34
C ARG C 96 -13.79 -5.58 -30.83
N LEU C 97 -14.99 -5.78 -31.38
CA LEU C 97 -15.16 -6.00 -32.82
C LEU C 97 -16.55 -5.51 -33.21
N ALA C 98 -16.59 -4.56 -34.14
CA ALA C 98 -17.85 -3.93 -34.53
C ALA C 98 -17.91 -3.80 -36.04
N ILE C 99 -19.10 -4.00 -36.59
CA ILE C 99 -19.38 -3.84 -38.01
C ILE C 99 -20.60 -2.96 -38.14
N ASP C 100 -20.49 -1.87 -38.92
CA ASP C 100 -21.62 -0.97 -39.09
C ASP C 100 -22.75 -1.71 -39.82
N LYS C 101 -23.97 -1.31 -39.48
CA LYS C 101 -25.18 -1.87 -40.03
C LYS C 101 -25.18 -1.81 -41.53
N SER C 102 -24.60 -0.75 -42.06
CA SER C 102 -24.59 -0.52 -43.50
C SER C 102 -24.01 -1.74 -44.20
N VAL C 103 -23.00 -2.36 -43.59
CA VAL C 103 -22.30 -3.47 -44.22
C VAL C 103 -22.44 -4.77 -43.43
N GLN C 104 -23.51 -4.91 -42.65
CA GLN C 104 -23.71 -6.13 -41.89
C GLN C 104 -24.37 -7.20 -42.75
N GLY C 105 -24.23 -8.45 -42.31
CA GLY C 105 -24.79 -9.58 -43.03
C GLY C 105 -24.16 -9.88 -44.36
N GLN C 106 -22.96 -9.38 -44.61
CA GLN C 106 -22.25 -9.62 -45.87
C GLN C 106 -20.93 -10.36 -45.69
N GLY C 107 -20.59 -10.76 -44.48
CA GLY C 107 -19.37 -11.51 -44.25
C GLY C 107 -18.17 -10.69 -43.85
N TRP C 108 -18.32 -9.37 -43.71
CA TRP C 108 -17.18 -8.54 -43.32
C TRP C 108 -16.76 -8.82 -41.88
N GLY C 109 -17.69 -9.25 -41.04
CA GLY C 109 -17.35 -9.57 -39.66
C GLY C 109 -16.39 -10.73 -39.53
N GLU C 110 -16.63 -11.79 -40.32
CA GLU C 110 -15.72 -12.93 -40.31
C GLU C 110 -14.42 -12.64 -41.06
N LEU C 112 -12.91 -9.76 -40.96
CA LEU C 112 -12.09 -9.10 -39.95
C LEU C 112 -11.46 -10.11 -39.02
N VAL C 113 -12.23 -11.12 -38.59
CA VAL C 113 -11.69 -12.18 -37.74
C VAL C 113 -10.56 -12.91 -38.47
N ALA C 114 -10.75 -13.15 -39.77
CA ALA C 114 -9.68 -13.73 -40.58
C ALA C 114 -8.49 -12.78 -40.69
N HIS C 115 -8.76 -11.47 -40.73
CA HIS C 115 -7.66 -10.51 -40.73
C HIS C 115 -6.97 -10.46 -39.38
N VAL C 116 -7.72 -10.67 -38.30
CA VAL C 116 -7.12 -10.73 -36.97
C VAL C 116 -6.12 -11.87 -36.90
N ARG C 118 -4.48 -13.14 -39.27
CA ARG C 118 -3.34 -12.93 -40.15
C ARG C 118 -2.26 -12.11 -39.46
N VAL C 119 -2.64 -11.07 -38.71
CA VAL C 119 -1.64 -10.30 -38.00
C VAL C 119 -1.08 -11.13 -36.84
N VAL C 120 -1.93 -11.93 -36.20
CA VAL C 120 -1.45 -12.88 -35.20
C VAL C 120 -0.47 -13.86 -35.85
N TRP C 121 -0.81 -14.34 -37.04
CA TRP C 121 0.10 -15.19 -37.81
C TRP C 121 1.42 -14.48 -38.07
N GLY C 122 1.36 -13.23 -38.52
CA GLY C 122 2.58 -12.47 -38.73
C GLY C 122 3.34 -12.20 -37.45
N ALA C 123 2.61 -11.90 -36.37
CA ALA C 123 3.27 -11.63 -35.10
C ALA C 123 3.96 -12.88 -34.56
N SER C 124 3.36 -14.05 -34.76
CA SER C 124 3.93 -15.29 -34.25
C SER C 124 5.26 -15.65 -34.92
N LYS C 125 5.55 -15.07 -36.09
CA LYS C 125 6.81 -15.34 -36.77
C LYS C 125 7.98 -14.58 -36.16
N ALA C 126 7.71 -13.55 -35.36
CA ALA C 126 8.76 -12.75 -34.76
C ALA C 126 8.87 -12.91 -33.25
N VAL C 127 7.75 -13.15 -32.56
CA VAL C 127 7.76 -13.45 -31.13
C VAL C 127 6.91 -14.69 -30.91
N GLY C 128 7.17 -15.36 -29.79
CA GLY C 128 6.41 -16.54 -29.44
C GLY C 128 4.97 -16.17 -29.10
N ILE C 129 4.01 -16.72 -29.85
CA ILE C 129 2.59 -16.51 -29.59
C ILE C 129 1.87 -17.83 -29.86
N TYR C 130 1.14 -18.33 -28.87
CA TYR C 130 0.55 -19.65 -28.95
C TYR C 130 -0.88 -19.67 -29.48
N GLY C 131 -1.55 -18.52 -29.55
CA GLY C 131 -2.90 -18.52 -30.08
C GLY C 131 -3.59 -17.20 -29.84
N LEU C 132 -4.89 -17.21 -30.13
CA LEU C 132 -5.73 -16.01 -30.12
C LEU C 132 -6.89 -16.23 -29.15
N PHE C 133 -7.00 -15.36 -28.16
CA PHE C 133 -8.12 -15.36 -27.22
C PHE C 133 -9.13 -14.30 -27.61
N VAL C 134 -10.40 -14.56 -27.29
CA VAL C 134 -11.46 -13.58 -27.46
C VAL C 134 -12.46 -13.77 -26.33
N GLU C 135 -12.98 -12.66 -25.81
CA GLU C 135 -14.01 -12.69 -24.78
C GLU C 135 -15.36 -12.44 -25.43
N ALA C 136 -16.28 -13.38 -25.25
CA ALA C 136 -17.63 -13.29 -25.79
C ALA C 136 -18.53 -12.79 -24.67
N LEU C 137 -18.94 -11.52 -24.76
CA LEU C 137 -19.79 -10.90 -23.74
C LEU C 137 -21.04 -11.74 -23.51
N ASN C 138 -21.82 -11.93 -24.57
CA ASN C 138 -23.03 -12.71 -24.55
C ASN C 138 -22.80 -14.00 -25.33
N GLU C 139 -23.87 -14.78 -25.50
CA GLU C 139 -23.79 -16.07 -26.16
C GLU C 139 -23.94 -15.97 -27.68
N LYS C 140 -24.55 -14.90 -28.18
CA LYS C 140 -24.50 -14.64 -29.62
C LYS C 140 -23.06 -14.48 -30.08
N ALA C 141 -22.26 -13.72 -29.32
CA ALA C 141 -20.84 -13.64 -29.60
C ALA C 141 -20.19 -15.02 -29.49
N LYS C 142 -20.64 -15.83 -28.53
CA LYS C 142 -20.12 -17.20 -28.43
C LYS C 142 -20.46 -18.00 -29.67
N ALA C 143 -21.70 -17.91 -30.15
CA ALA C 143 -22.09 -18.61 -31.36
C ALA C 143 -21.32 -18.09 -32.57
N PHE C 144 -21.04 -16.78 -32.60
CA PHE C 144 -20.31 -16.21 -33.72
C PHE C 144 -18.90 -16.78 -33.81
N TYR C 145 -18.20 -16.89 -32.67
CA TYR C 145 -16.82 -17.37 -32.68
C TYR C 145 -16.75 -18.89 -32.69
N LEU C 146 -17.66 -19.58 -32.00
CA LEU C 146 -17.71 -21.03 -32.08
C LEU C 146 -17.91 -21.51 -33.50
N ARG C 147 -18.67 -20.76 -34.30
CA ARG C 147 -18.91 -21.12 -35.68
C ARG C 147 -17.65 -21.03 -36.53
N LEU C 148 -16.74 -20.11 -36.19
CA LEU C 148 -15.49 -19.97 -36.93
C LEU C 148 -14.41 -20.93 -36.46
N GLY C 149 -14.71 -21.80 -35.49
CA GLY C 149 -13.76 -22.79 -35.00
C GLY C 149 -13.15 -22.51 -33.66
N PHE C 150 -13.53 -21.42 -32.99
CA PHE C 150 -13.00 -21.12 -31.67
C PHE C 150 -13.44 -22.18 -30.66
N ILE C 151 -12.55 -22.48 -29.71
CA ILE C 151 -12.82 -23.44 -28.66
C ILE C 151 -13.17 -22.66 -27.39
N GLN C 152 -14.36 -22.93 -26.85
CA GLN C 152 -14.83 -22.24 -25.65
C GLN C 152 -14.25 -22.89 -24.40
N LEU C 153 -13.82 -22.05 -23.46
CA LEU C 153 -13.29 -22.54 -22.19
C LEU C 153 -14.42 -22.64 -21.17
N VAL C 154 -14.09 -23.13 -19.97
CA VAL C 154 -15.11 -23.58 -19.02
C VAL C 154 -14.98 -22.83 -17.70
N ASP C 155 -16.03 -22.93 -16.89
CA ASP C 155 -16.10 -22.36 -15.55
C ASP C 155 -15.79 -20.87 -15.51
N GLU C 156 -14.74 -20.50 -14.78
CA GLU C 156 -14.40 -19.08 -14.65
C GLU C 156 -14.05 -18.46 -15.98
N ASN C 157 -13.56 -19.26 -16.93
CA ASN C 157 -13.20 -18.80 -18.26
C ASN C 157 -14.27 -19.12 -19.30
N SER C 158 -15.53 -19.22 -18.88
CA SER C 158 -16.58 -19.67 -19.79
C SER C 158 -16.96 -18.64 -20.84
N ASN C 159 -16.56 -17.38 -20.66
CA ASN C 159 -16.71 -16.37 -21.71
C ASN C 159 -15.37 -16.03 -22.35
N LEU C 160 -14.53 -17.05 -22.51
CA LEU C 160 -13.29 -16.93 -23.28
C LEU C 160 -13.27 -18.03 -24.34
N LEU C 161 -12.86 -17.65 -25.54
CA LEU C 161 -12.67 -18.59 -26.63
C LEU C 161 -11.24 -18.49 -27.13
N PHE C 162 -10.72 -19.61 -27.64
CA PHE C 162 -9.31 -19.71 -27.98
C PHE C 162 -9.16 -20.39 -29.33
N TYR C 163 -8.23 -19.89 -30.15
CA TYR C 163 -7.89 -20.50 -31.42
C TYR C 163 -6.37 -20.56 -31.50
N PRO C 164 -5.77 -21.73 -31.70
CA PRO C 164 -4.32 -21.84 -31.64
C PRO C 164 -3.64 -21.29 -32.88
N THR C 165 -2.37 -20.93 -32.72
CA THR C 165 -1.60 -20.36 -33.82
C THR C 165 -1.37 -21.40 -34.92
N LYS C 166 -1.16 -22.66 -34.55
CA LYS C 166 -0.88 -23.68 -35.54
C LYS C 166 -2.07 -23.90 -36.47
N SER C 167 -3.30 -23.72 -35.98
CA SER C 167 -4.46 -23.75 -36.86
C SER C 167 -4.47 -22.54 -37.79
N ILE C 168 -4.07 -21.37 -37.29
CA ILE C 168 -3.93 -20.20 -38.13
C ILE C 168 -2.86 -20.42 -39.18
N GLU C 169 -1.80 -21.12 -38.82
CA GLU C 169 -0.74 -21.41 -39.75
C GLU C 169 -1.30 -22.18 -40.94
N GLN C 170 -2.13 -23.17 -40.67
CA GLN C 170 -2.74 -23.99 -41.69
C GLN C 170 -3.57 -23.15 -42.62
N LEU C 171 -4.36 -22.28 -42.06
CA LEU C 171 -5.25 -21.46 -42.83
C LEU C 171 -4.62 -20.59 -43.90
N PHE C 172 -3.50 -20.00 -43.60
CA PHE C 172 -2.86 -19.10 -44.52
C PHE C 172 -1.84 -19.75 -45.43
N THR C 173 -1.24 -20.86 -45.02
CA THR C 173 -0.30 -21.52 -45.89
C THR C 173 -1.08 -22.23 -46.97
N ASP C 174 -2.15 -22.89 -46.56
CA ASP C 174 -2.98 -23.63 -47.48
C ASP C 174 -3.63 -22.78 -48.55
N ASP C 175 -4.00 -21.57 -48.21
CA ASP C 175 -4.60 -20.68 -49.17
C ASP C 175 -3.57 -19.73 -49.73
N ALA D 3 32.94 7.20 2.55
CA ALA D 3 31.62 6.83 3.06
C ALA D 3 31.13 7.84 4.07
N LEU D 4 31.43 9.11 3.84
CA LEU D 4 31.05 10.18 4.75
C LEU D 4 29.60 10.59 4.51
N LYS D 5 28.99 11.16 5.55
CA LYS D 5 27.63 11.69 5.47
C LYS D 5 27.69 13.16 5.04
N LYS D 6 28.06 13.35 3.77
CA LYS D 6 28.35 14.67 3.24
C LYS D 6 27.15 15.37 2.61
N GLN D 7 26.04 14.66 2.51
CA GLN D 7 24.82 15.22 1.95
C GLN D 7 23.85 15.61 3.03
N ARG D 8 22.90 16.46 2.69
CA ARG D 8 21.94 16.94 3.65
C ARG D 8 20.51 16.94 3.17
N ILE D 9 19.57 16.95 4.10
CA ILE D 9 18.14 17.01 3.84
C ILE D 9 17.44 17.64 5.04
N ASP D 10 16.56 18.59 4.81
CA ASP D 10 15.78 19.14 5.90
C ASP D 10 14.31 19.00 5.58
N LEU D 11 13.54 18.51 6.52
CA LEU D 11 12.12 18.36 6.33
C LEU D 11 11.34 19.29 7.21
N ARG D 12 10.32 19.92 6.66
CA ARG D 12 9.47 20.78 7.43
C ARG D 12 8.20 20.01 7.59
N LEU D 13 7.75 19.78 8.81
CA LEU D 13 6.54 18.99 9.00
C LEU D 13 5.67 19.45 10.16
N THR D 14 4.50 18.84 10.29
CA THR D 14 3.59 19.16 11.37
C THR D 14 4.15 18.74 12.73
N ASP D 15 3.47 19.17 13.80
CA ASP D 15 3.90 18.76 15.13
C ASP D 15 3.63 17.28 15.40
N ASP D 16 2.57 16.73 14.78
CA ASP D 16 2.25 15.33 15.02
C ASP D 16 3.14 14.37 14.24
N ASP D 17 3.56 14.80 13.08
CA ASP D 17 4.42 13.98 12.31
C ASP D 17 5.75 13.85 13.01
N LYS D 18 6.28 14.94 13.53
CA LYS D 18 7.57 14.89 14.19
C LYS D 18 7.50 14.20 15.54
N SER D 19 6.36 14.30 16.22
CA SER D 19 6.22 13.69 17.54
C SER D 19 6.18 12.16 17.42
N ILE D 20 5.45 11.64 16.43
CA ILE D 20 5.40 10.19 16.28
C ILE D 20 6.74 9.66 15.78
N ILE D 21 7.48 10.47 15.01
CA ILE D 21 8.81 10.05 14.56
C ILE D 21 9.80 10.11 15.71
N GLU D 22 9.75 11.19 16.51
CA GLU D 22 10.66 11.30 17.65
C GLU D 22 10.49 10.13 18.61
N GLU D 23 9.24 9.81 18.97
CA GLU D 23 9.03 8.78 19.99
C GLU D 23 9.21 7.37 19.43
N ALA D 24 8.93 7.16 18.15
CA ALA D 24 9.23 5.85 17.56
C ALA D 24 10.73 5.62 17.51
N ALA D 25 11.50 6.66 17.22
CA ALA D 25 12.96 6.56 17.33
C ALA D 25 13.39 6.33 18.76
N ALA D 26 12.69 6.94 19.71
CA ALA D 26 12.99 6.70 21.13
C ALA D 26 12.68 5.26 21.52
N ILE D 27 11.54 4.74 21.08
CA ILE D 27 11.21 3.34 21.34
C ILE D 27 12.25 2.42 20.74
N SER D 28 12.65 2.69 19.49
CA SER D 28 13.68 1.90 18.82
C SER D 28 15.08 2.19 19.34
N ASN D 29 15.23 3.16 20.23
CA ASN D 29 16.54 3.59 20.74
C ASN D 29 17.50 3.92 19.61
N GLN D 30 17.01 4.71 18.65
CA GLN D 30 17.81 5.20 17.53
C GLN D 30 17.72 6.72 17.47
N THR D 31 18.81 7.36 17.04
CA THR D 31 18.73 8.79 16.77
C THR D 31 17.69 9.06 15.69
N ILE D 32 17.24 10.32 15.64
CA ILE D 32 16.32 10.72 14.59
C ILE D 32 16.92 10.48 13.21
N THR D 33 18.25 10.63 13.08
CA THR D 33 18.88 10.45 11.78
C THR D 33 18.79 9.00 11.31
N GLN D 34 19.21 8.03 12.14
CA GLN D 34 19.10 6.63 11.76
C GLN D 34 17.66 6.26 11.41
N PHE D 35 16.73 6.52 12.32
CA PHE D 35 15.35 6.07 12.12
C PHE D 35 14.77 6.60 10.81
N VAL D 36 14.99 7.88 10.52
CA VAL D 36 14.38 8.49 9.34
C VAL D 36 15.11 8.09 8.07
N VAL D 37 16.45 8.14 8.09
CA VAL D 37 17.21 7.84 6.87
C VAL D 37 17.12 6.36 6.54
N ALA D 38 17.13 5.49 7.56
CA ALA D 38 16.97 4.07 7.30
C ALA D 38 15.57 3.75 6.79
N SER D 39 14.54 4.36 7.39
CA SER D 39 13.19 4.13 6.91
C SER D 39 13.04 4.56 5.45
N ALA D 40 13.64 5.69 5.08
CA ALA D 40 13.49 6.22 3.73
C ALA D 40 14.30 5.40 2.71
N SER D 41 15.50 4.94 3.06
CA SER D 41 16.37 4.26 2.09
C SER D 41 15.84 2.90 1.73
N GLU D 42 15.33 2.23 2.74
CA GLU D 42 14.83 0.89 2.56
C GLU D 42 13.48 0.91 1.90
N ARG D 43 12.71 1.98 2.10
CA ARG D 43 11.55 2.20 1.26
C ARG D 43 11.99 2.62 -0.14
N ALA D 44 13.09 3.37 -0.26
CA ALA D 44 13.58 3.77 -1.57
C ALA D 44 14.06 2.57 -2.38
N ALA D 45 14.82 1.67 -1.74
CA ALA D 45 15.29 0.48 -2.45
C ALA D 45 14.14 -0.39 -2.90
N GLU D 46 13.06 -0.45 -2.11
CA GLU D 46 11.89 -1.23 -2.51
C GLU D 46 11.19 -0.63 -3.72
N VAL D 47 11.07 0.69 -3.76
CA VAL D 47 10.38 1.35 -4.87
C VAL D 47 11.18 1.21 -6.17
N ILE D 48 12.51 1.31 -6.08
CA ILE D 48 13.34 1.23 -7.26
C ILE D 48 13.38 -0.20 -7.80
N GLU D 49 13.45 -1.20 -6.90
CA GLU D 49 13.43 -2.59 -7.35
C GLU D 49 12.10 -2.92 -8.02
N GLN D 50 10.99 -2.48 -7.43
CA GLN D 50 9.69 -2.71 -8.04
C GLN D 50 9.56 -1.98 -9.38
N HIS D 51 10.04 -0.72 -9.42
CA HIS D 51 10.03 0.02 -10.68
C HIS D 51 10.90 -0.64 -11.73
N ARG D 52 12.00 -1.26 -11.33
CA ARG D 52 12.89 -1.90 -12.30
C ARG D 52 12.23 -3.14 -12.91
N ARG D 53 11.49 -3.90 -12.10
CA ARG D 53 10.78 -5.05 -12.63
C ARG D 53 9.64 -4.64 -13.56
N VAL D 55 9.41 -1.90 -15.35
CA VAL D 55 9.93 -1.35 -16.60
C VAL D 55 10.27 -2.47 -17.57
N LEU D 56 11.00 -3.49 -17.09
CA LEU D 56 11.36 -4.60 -17.97
C LEU D 56 10.14 -5.44 -18.34
N ASN D 57 9.15 -5.53 -17.44
CA ASN D 57 7.91 -6.21 -17.79
C ASN D 57 7.16 -5.46 -18.88
N GLU D 58 7.08 -4.13 -18.76
CA GLU D 58 6.37 -3.34 -19.76
C GLU D 58 7.07 -3.40 -21.12
N GLN D 59 8.40 -3.41 -21.12
CA GLN D 59 9.14 -3.54 -22.38
C GLN D 59 8.88 -4.90 -23.01
N SER D 60 8.76 -5.94 -22.19
CA SER D 60 8.39 -7.27 -22.71
C SER D 60 7.02 -7.22 -23.37
N TRP D 61 6.05 -6.52 -22.75
CA TRP D 61 4.74 -6.37 -23.37
C TRP D 61 4.82 -5.56 -24.65
N SER D 62 5.77 -4.61 -24.73
CA SER D 62 5.90 -3.79 -25.93
C SER D 62 6.44 -4.59 -27.11
N LEU D 63 7.11 -5.72 -26.86
CA LEU D 63 7.54 -6.58 -27.95
C LEU D 63 6.35 -7.20 -28.66
N VAL D 64 5.36 -7.67 -27.90
CA VAL D 64 4.15 -8.23 -28.50
C VAL D 64 3.37 -7.13 -29.20
N GLU D 66 4.63 -4.43 -30.76
CA GLU D 66 5.24 -4.19 -32.07
C GLU D 66 5.03 -5.36 -33.00
N ALA D 67 4.93 -6.58 -32.47
CA ALA D 67 4.71 -7.75 -33.33
C ALA D 67 3.34 -7.72 -33.98
N ILE D 68 2.33 -7.21 -33.29
CA ILE D 68 0.98 -7.14 -33.85
C ILE D 68 0.77 -5.77 -34.48
N THR D 69 1.87 -5.04 -34.68
CA THR D 69 1.84 -3.71 -35.30
C THR D 69 2.28 -3.88 -36.75
N GLN D 70 1.31 -4.00 -37.65
CA GLN D 70 1.55 -4.26 -39.05
C GLN D 70 0.69 -3.36 -39.92
N PRO D 71 1.29 -2.47 -40.72
CA PRO D 71 0.54 -1.61 -41.64
C PRO D 71 -0.23 -2.41 -42.68
N LYS E 5 2.66 23.09 10.15
CA LYS E 5 3.94 22.65 9.63
C LYS E 5 5.08 23.55 10.13
N LYS E 6 5.22 23.62 11.45
CA LYS E 6 6.16 24.52 12.10
C LYS E 6 7.37 23.79 12.67
N GLN E 7 7.50 22.49 12.45
CA GLN E 7 8.61 21.71 12.99
C GLN E 7 9.62 21.42 11.89
N ARG E 8 10.69 20.76 12.27
CA ARG E 8 11.68 20.44 11.30
C ARG E 8 12.58 19.33 11.77
N ILE E 9 13.18 18.67 10.80
CA ILE E 9 14.13 17.56 11.00
C ILE E 9 15.29 17.78 10.03
N ASP E 10 16.50 17.87 10.55
CA ASP E 10 17.68 18.04 9.74
C ASP E 10 18.44 16.73 9.74
N LEU E 11 18.99 16.35 8.60
CA LEU E 11 19.63 15.06 8.45
C LEU E 11 20.94 15.22 7.70
N ARG E 12 21.95 14.45 8.12
CA ARG E 12 23.13 14.19 7.32
C ARG E 12 23.05 12.76 6.81
N LEU E 13 23.44 12.56 5.55
CA LEU E 13 23.40 11.23 4.95
C LEU E 13 24.44 11.13 3.85
N THR E 14 24.75 9.90 3.48
CA THR E 14 25.73 9.62 2.43
C THR E 14 25.17 10.00 1.06
N ASP E 15 26.08 10.07 0.09
CA ASP E 15 25.66 10.27 -1.30
C ASP E 15 24.77 9.14 -1.77
N ASP E 16 25.06 7.91 -1.33
CA ASP E 16 24.27 6.75 -1.73
C ASP E 16 22.82 6.87 -1.25
N ASP E 17 22.64 7.15 0.05
CA ASP E 17 21.29 7.26 0.57
C ASP E 17 20.55 8.42 -0.05
N LYS E 18 21.22 9.56 -0.22
CA LYS E 18 20.58 10.71 -0.84
C LYS E 18 20.18 10.42 -2.28
N SER E 19 21.04 9.70 -3.01
CA SER E 19 20.77 9.43 -4.42
C SER E 19 19.57 8.50 -4.60
N ILE E 20 19.53 7.41 -3.83
CA ILE E 20 18.43 6.46 -4.01
C ILE E 20 17.11 7.03 -3.49
N ILE E 21 17.17 7.94 -2.52
CA ILE E 21 15.95 8.61 -2.07
C ILE E 21 15.46 9.58 -3.14
N GLU E 22 16.37 10.32 -3.77
CA GLU E 22 15.99 11.25 -4.82
C GLU E 22 15.35 10.52 -5.99
N GLU E 23 15.87 9.34 -6.34
CA GLU E 23 15.38 8.65 -7.52
C GLU E 23 14.10 7.87 -7.22
N ALA E 24 13.95 7.36 -5.99
CA ALA E 24 12.68 6.74 -5.61
C ALA E 24 11.58 7.77 -5.45
N ALA E 25 11.92 8.98 -5.00
CA ALA E 25 10.91 10.04 -4.94
C ALA E 25 10.46 10.45 -6.32
N ALA E 26 11.40 10.55 -7.27
CA ALA E 26 11.05 10.87 -8.64
C ALA E 26 10.17 9.79 -9.25
N ILE E 27 10.53 8.53 -9.02
CA ILE E 27 9.72 7.41 -9.50
C ILE E 27 8.29 7.50 -8.94
N SER E 28 8.18 7.83 -7.66
CA SER E 28 6.89 7.90 -6.98
C SER E 28 6.12 9.18 -7.27
N ASN E 29 6.69 10.11 -8.04
CA ASN E 29 6.07 11.41 -8.31
C ASN E 29 5.82 12.17 -7.01
N GLN E 30 6.87 12.26 -6.20
CA GLN E 30 6.82 12.86 -4.87
C GLN E 30 8.08 13.69 -4.66
N THR E 31 7.95 14.79 -3.92
CA THR E 31 9.14 15.49 -3.49
C THR E 31 9.96 14.64 -2.53
N ILE E 32 11.22 15.05 -2.33
CA ILE E 32 12.08 14.36 -1.35
C ILE E 32 11.46 14.41 0.03
N THR E 33 10.92 15.56 0.44
CA THR E 33 10.39 15.67 1.78
C THR E 33 9.15 14.81 1.97
N GLN E 34 8.28 14.73 0.95
CA GLN E 34 7.11 13.87 1.04
C GLN E 34 7.52 12.41 1.17
N PHE E 35 8.48 11.98 0.34
CA PHE E 35 8.90 10.58 0.36
C PHE E 35 9.52 10.21 1.70
N VAL E 36 10.34 11.10 2.27
CA VAL E 36 11.03 10.79 3.51
C VAL E 36 10.07 10.84 4.69
N VAL E 37 9.23 11.87 4.75
CA VAL E 37 8.27 11.99 5.86
C VAL E 37 7.29 10.83 5.83
N ALA E 38 6.79 10.45 4.64
CA ALA E 38 5.86 9.34 4.55
C ALA E 38 6.53 8.02 4.94
N SER E 39 7.77 7.81 4.52
CA SER E 39 8.48 6.59 4.87
C SER E 39 8.73 6.50 6.37
N ALA E 40 9.11 7.63 6.99
CA ALA E 40 9.42 7.61 8.42
C ALA E 40 8.17 7.53 9.28
N SER E 41 7.12 8.28 8.91
CA SER E 41 5.92 8.31 9.75
C SER E 41 5.12 7.02 9.63
N GLU E 42 5.06 6.43 8.43
CA GLU E 42 4.42 5.12 8.30
C GLU E 42 5.18 4.08 9.10
N ARG E 43 6.51 4.15 9.09
CA ARG E 43 7.32 3.23 9.87
C ARG E 43 7.24 3.53 11.36
N ALA E 44 7.02 4.79 11.72
CA ALA E 44 6.80 5.15 13.11
C ALA E 44 5.54 4.47 13.65
N ALA E 45 4.44 4.54 12.89
CA ALA E 45 3.19 3.93 13.32
C ALA E 45 3.32 2.42 13.50
N GLU E 46 4.17 1.77 12.70
CA GLU E 46 4.41 0.34 12.89
C GLU E 46 5.12 0.07 14.20
N VAL E 47 6.17 0.84 14.50
CA VAL E 47 6.90 0.68 15.76
C VAL E 47 5.98 0.93 16.94
N ILE E 48 5.17 2.00 16.86
CA ILE E 48 4.30 2.37 17.97
C ILE E 48 3.24 1.29 18.19
N GLU E 49 2.69 0.73 17.10
CA GLU E 49 1.63 -0.25 17.25
C GLU E 49 2.16 -1.56 17.82
N GLN E 50 3.38 -1.95 17.44
CA GLN E 50 4.01 -3.10 18.06
C GLN E 50 4.33 -2.86 19.53
N HIS E 51 4.49 -1.59 19.92
CA HIS E 51 4.86 -1.27 21.30
C HIS E 51 3.68 -1.36 22.26
N ARG E 52 2.46 -1.11 21.79
CA ARG E 52 1.29 -1.11 22.66
C ARG E 52 0.47 -2.40 22.59
N ARG E 53 0.63 -3.21 21.55
CA ARG E 53 -0.23 -4.35 21.32
C ARG E 53 0.47 -5.63 21.78
N VAL E 55 -0.02 -9.21 21.70
CA VAL E 55 -0.71 -10.37 21.16
C VAL E 55 -0.32 -11.59 22.00
N LEU E 56 -1.25 -12.09 22.79
CA LEU E 56 -1.01 -13.19 23.70
C LEU E 56 -1.50 -14.51 23.11
N ASN E 57 -0.69 -15.55 23.24
CA ASN E 57 -1.18 -16.89 22.94
C ASN E 57 -2.15 -17.33 24.04
N GLU E 58 -2.72 -18.52 23.87
CA GLU E 58 -3.82 -18.93 24.75
C GLU E 58 -3.32 -19.30 26.14
N GLN E 59 -2.09 -19.83 26.25
CA GLN E 59 -1.54 -20.12 27.57
C GLN E 59 -1.17 -18.84 28.31
N SER E 60 -0.52 -17.90 27.62
CA SER E 60 -0.19 -16.62 28.25
C SER E 60 -1.46 -15.85 28.59
N TRP E 61 -2.45 -15.88 27.70
CA TRP E 61 -3.73 -15.25 27.99
C TRP E 61 -4.38 -15.83 29.24
N SER E 62 -4.29 -17.16 29.41
CA SER E 62 -4.88 -17.79 30.58
C SER E 62 -4.15 -17.38 31.85
N LEU E 63 -2.82 -17.24 31.79
CA LEU E 63 -2.08 -16.80 32.96
C LEU E 63 -2.49 -15.39 33.38
N VAL E 64 -2.72 -14.51 32.40
CA VAL E 64 -3.18 -13.16 32.70
C VAL E 64 -4.58 -13.21 33.30
N GLU E 66 -5.89 -15.67 34.96
CA GLU E 66 -5.78 -16.19 36.32
C GLU E 66 -5.30 -15.12 37.29
N ALA E 67 -4.35 -14.29 36.86
CA ALA E 67 -3.89 -13.20 37.71
C ALA E 67 -4.98 -12.16 37.94
N ILE E 68 -5.86 -11.96 36.96
CA ILE E 68 -6.92 -10.97 37.11
C ILE E 68 -8.03 -11.49 38.01
N THR E 69 -8.50 -12.71 37.76
CA THR E 69 -9.61 -13.26 38.53
C THR E 69 -9.18 -13.74 39.92
N GLN E 70 -7.95 -14.25 40.05
CA GLN E 70 -7.41 -14.72 41.33
C GLN E 70 -6.12 -13.97 41.60
N PRO E 71 -6.20 -12.71 42.03
CA PRO E 71 -4.99 -11.89 42.19
C PRO E 71 -4.19 -12.34 43.40
N PRO E 72 -2.87 -12.52 43.25
CA PRO E 72 -2.02 -12.84 44.39
C PRO E 72 -1.87 -11.65 45.33
N ALA E 73 -1.59 -11.98 46.59
CA ALA E 73 -1.20 -10.95 47.55
C ALA E 73 0.26 -10.58 47.36
N PRO E 74 0.60 -9.29 47.42
CA PRO E 74 2.01 -8.89 47.23
C PRO E 74 2.91 -9.49 48.29
N ASN E 75 4.10 -9.93 47.85
CA ASN E 75 5.04 -10.58 48.73
C ASN E 75 5.71 -9.56 49.67
N ASP E 76 6.58 -10.07 50.54
CA ASP E 76 7.20 -9.22 51.57
C ASP E 76 8.13 -8.18 50.94
N ARG E 77 8.88 -8.56 49.91
CA ARG E 77 9.80 -7.61 49.29
C ARG E 77 9.04 -6.47 48.62
N LEU E 78 7.93 -6.79 47.95
CA LEU E 78 7.20 -5.75 47.22
C LEU E 78 6.52 -4.78 48.18
N LYS E 79 5.88 -5.27 49.25
CA LYS E 79 5.32 -4.34 50.23
C LYS E 79 6.40 -3.49 50.86
N ARG E 80 7.58 -4.06 51.10
CA ARG E 80 8.68 -3.30 51.70
C ARG E 80 9.11 -2.16 50.79
N ALA E 81 9.05 -2.35 49.47
CA ALA E 81 9.40 -1.28 48.54
C ALA E 81 8.39 -0.14 48.58
N ALA E 82 7.11 -0.46 48.77
CA ALA E 82 6.08 0.59 48.80
C ALA E 82 6.11 1.41 50.07
N LYS E 83 6.70 0.90 51.15
CA LYS E 83 6.73 1.67 52.40
C LYS E 83 7.79 2.75 52.34
N ARG E 84 8.91 2.48 51.67
CA ARG E 84 9.93 3.50 51.45
C ARG E 84 9.44 4.56 50.47
N LEU E 85 8.52 4.17 49.57
CA LEU E 85 7.91 5.14 48.68
C LEU E 85 7.02 6.10 49.47
N GLN E 86 6.43 5.59 50.53
CA GLN E 86 5.53 6.35 51.38
C GLN E 86 6.19 6.82 52.66
N GLN F 4 18.21 13.23 49.95
CA GLN F 4 16.82 13.65 49.82
C GLN F 4 16.30 13.41 48.42
N LEU F 5 16.19 12.14 48.03
CA LEU F 5 15.72 11.80 46.70
C LEU F 5 14.20 11.80 46.64
N THR F 6 13.68 12.24 45.48
CA THR F 6 12.25 12.31 45.24
C THR F 6 11.95 11.81 43.84
N ILE F 7 10.72 11.31 43.66
CA ILE F 7 10.23 10.83 42.37
C ILE F 7 9.27 11.86 41.83
N GLU F 8 9.58 12.39 40.64
CA GLU F 8 8.72 13.35 39.98
C GLU F 8 8.64 12.99 38.50
N ILE F 10 8.94 13.65 34.52
CA ILE F 10 9.72 14.44 33.57
C ILE F 10 8.76 15.34 32.82
N ALA F 11 8.81 16.64 33.11
CA ALA F 11 7.86 17.59 32.56
C ALA F 11 8.37 18.17 31.24
N ASP F 12 7.75 19.28 30.82
CA ASP F 12 8.17 19.96 29.60
C ASP F 12 9.65 20.29 29.61
N ALA F 13 10.15 20.91 30.69
CA ALA F 13 11.48 21.52 30.66
C ALA F 13 12.57 20.48 30.49
N PHE F 14 12.58 19.47 31.36
CA PHE F 14 13.76 18.63 31.57
C PHE F 14 14.95 19.52 31.86
N SER F 15 15.03 20.04 33.09
CA SER F 15 16.16 20.84 33.52
C SER F 15 16.92 20.11 34.60
N TYR F 16 17.42 18.92 34.27
CA TYR F 16 18.11 18.06 35.22
C TYR F 16 19.59 17.97 34.87
N ASP F 17 20.41 17.77 35.90
CA ASP F 17 21.83 17.53 35.71
C ASP F 17 22.04 16.03 35.49
N ILE F 18 22.30 15.65 34.25
CA ILE F 18 22.53 14.26 33.87
C ILE F 18 24.00 14.00 33.55
N THR F 19 24.88 14.94 33.84
CA THR F 19 26.30 14.79 33.54
C THR F 19 26.87 13.63 34.34
N GLY F 20 27.57 12.73 33.65
CA GLY F 20 28.15 11.58 34.32
C GLY F 20 27.17 10.49 34.72
N PHE F 21 25.97 10.49 34.14
CA PHE F 21 25.00 9.45 34.43
C PHE F 21 25.47 8.12 33.82
N ASP F 22 25.33 7.05 34.58
CA ASP F 22 25.76 5.73 34.13
C ASP F 22 25.02 4.68 34.94
N CYS F 23 24.21 3.87 34.27
CA CYS F 23 23.44 2.82 34.91
C CYS F 23 24.07 1.44 34.77
N GLY F 24 25.14 1.31 34.00
CA GLY F 24 25.75 0.04 33.68
C GLY F 24 25.46 -0.47 32.28
N GLU F 25 24.29 -0.13 31.74
CA GLU F 25 23.92 -0.52 30.38
C GLU F 25 23.88 0.74 29.52
N GLU F 26 24.73 0.78 28.50
CA GLU F 26 24.85 2.00 27.68
C GLU F 26 23.58 2.29 26.90
N ALA F 27 22.79 1.25 26.58
CA ALA F 27 21.54 1.48 25.85
C ALA F 27 20.60 2.38 26.64
N LEU F 28 20.52 2.20 27.96
CA LEU F 28 19.70 3.07 28.78
C LEU F 28 20.34 4.42 29.04
N ASN F 29 21.68 4.52 28.92
CA ASN F 29 22.33 5.81 29.04
C ASN F 29 22.07 6.67 27.79
N THR F 30 22.32 6.11 26.61
CA THR F 30 22.10 6.85 25.38
C THR F 30 20.64 7.23 25.20
N PHE F 31 19.72 6.36 25.66
CA PHE F 31 18.31 6.71 25.64
C PHE F 31 18.02 7.94 26.47
N LEU F 32 18.80 8.16 27.54
CA LEU F 32 18.61 9.35 28.36
C LEU F 32 19.12 10.60 27.65
N LYS F 33 20.34 10.55 27.10
CA LYS F 33 20.92 11.76 26.52
C LYS F 33 20.31 12.11 25.17
N GLU F 34 19.71 11.15 24.47
CA GLU F 34 19.25 11.37 23.11
C GLU F 34 17.74 11.28 22.94
N HIS F 35 16.98 11.09 24.02
CA HIS F 35 15.54 11.01 23.88
C HIS F 35 14.84 11.71 25.03
N LEU F 36 15.12 11.30 26.27
CA LEU F 36 14.52 11.96 27.41
C LEU F 36 14.98 13.41 27.50
N LYS F 37 16.24 13.68 27.15
CA LYS F 37 16.75 15.03 27.28
C LYS F 37 16.23 15.94 26.17
N ARG F 38 15.74 15.37 25.07
CA ARG F 38 15.14 16.13 23.97
C ARG F 38 13.62 16.16 24.01
N GLN F 39 13.01 15.71 25.10
CA GLN F 39 11.56 15.66 25.22
C GLN F 39 10.95 14.83 24.10
N HIS F 40 11.58 13.68 23.82
CA HIS F 40 11.04 12.72 22.86
C HIS F 40 9.99 11.84 23.57
N ASP F 41 8.98 12.51 24.11
CA ASP F 41 7.98 11.87 24.96
C ASP F 41 6.81 12.83 25.15
N GLY F 42 5.74 12.31 25.74
CA GLY F 42 4.55 13.09 26.07
C GLY F 42 3.28 12.55 25.43
N GLN F 43 3.39 11.87 24.29
CA GLN F 43 2.24 11.34 23.57
C GLN F 43 2.09 9.83 23.68
N ILE F 44 3.19 9.07 23.61
CA ILE F 44 3.17 7.63 23.78
C ILE F 44 4.00 7.20 24.97
N LEU F 45 5.15 7.81 25.17
CA LEU F 45 6.01 7.51 26.30
C LEU F 45 5.90 8.61 27.35
N ARG F 46 5.75 8.19 28.61
CA ARG F 46 5.70 9.09 29.75
C ARG F 46 6.80 8.70 30.70
N GLY F 47 7.66 9.66 31.04
CA GLY F 47 8.83 9.41 31.84
C GLY F 47 8.67 10.00 33.26
N TYR F 48 9.13 9.24 34.24
CA TYR F 48 9.27 9.70 35.61
C TYR F 48 10.73 9.60 36.02
N ALA F 49 11.14 10.44 36.97
CA ALA F 49 12.55 10.61 37.28
C ALA F 49 12.80 10.57 38.76
N LEU F 50 13.84 9.84 39.16
CA LEU F 50 14.35 9.86 40.52
C LEU F 50 15.41 10.95 40.61
N VAL F 51 15.11 12.03 41.34
CA VAL F 51 15.92 13.23 41.32
C VAL F 51 16.43 13.55 42.72
N SER F 52 17.56 14.25 42.77
CA SER F 52 18.16 14.66 44.03
C SER F 52 17.61 16.01 44.47
N GLY F 53 18.00 16.42 45.67
CA GLY F 53 17.56 17.67 46.24
C GLY F 53 18.57 18.80 46.09
N ASP F 54 19.52 18.65 45.18
CA ASP F 54 20.52 19.68 44.96
C ASP F 54 19.90 20.93 44.36
N THR F 55 20.68 22.01 44.34
CA THR F 55 20.18 23.28 43.81
C THR F 55 19.87 23.16 42.32
N VAL F 56 20.62 22.35 41.60
CA VAL F 56 20.23 21.85 40.29
C VAL F 56 19.95 20.36 40.44
N PRO F 57 18.70 19.93 40.32
CA PRO F 57 18.37 18.53 40.67
C PRO F 57 19.06 17.55 39.73
N ARG F 58 19.74 16.57 40.33
CA ARG F 58 20.43 15.56 39.56
C ARG F 58 19.52 14.36 39.33
N LEU F 59 19.63 13.77 38.15
CA LEU F 59 18.84 12.60 37.79
C LEU F 59 19.67 11.34 38.04
N LEU F 60 19.19 10.47 38.92
CA LEU F 60 19.87 9.22 39.23
C LEU F 60 19.01 8.00 38.90
N GLY F 61 17.89 8.20 38.24
CA GLY F 61 17.06 7.09 37.80
C GLY F 61 15.88 7.61 37.03
N TYR F 62 15.29 6.72 36.24
CA TYR F 62 14.12 7.07 35.44
C TYR F 62 13.43 5.80 34.96
N TYR F 63 12.17 5.96 34.57
CA TYR F 63 11.46 4.91 33.86
C TYR F 63 10.50 5.56 32.86
N THR F 64 10.10 4.76 31.88
CA THR F 64 9.13 5.18 30.87
C THR F 64 7.90 4.29 30.94
N LEU F 65 6.73 4.91 30.84
CA LEU F 65 5.46 4.21 30.84
C LEU F 65 4.70 4.51 29.55
N SER F 66 3.90 3.55 29.12
CA SER F 66 3.11 3.72 27.91
C SER F 66 1.80 2.95 28.07
N GLY F 67 0.71 3.56 27.61
CA GLY F 67 -0.53 2.84 27.52
C GLY F 67 -0.41 1.68 26.55
N SER F 68 -1.01 0.54 26.92
CA SER F 68 -0.91 -0.67 26.12
C SER F 68 -2.23 -1.41 26.17
N CYS F 69 -2.28 -2.52 25.45
CA CYS F 69 -3.43 -3.41 25.48
C CYS F 69 -2.96 -4.81 25.13
N PHE F 70 -3.63 -5.81 25.71
CA PHE F 70 -3.31 -7.20 25.44
C PHE F 70 -4.53 -7.87 24.82
N GLU F 71 -4.29 -8.72 23.81
CA GLU F 71 -5.35 -9.33 23.03
C GLU F 71 -5.15 -10.84 22.98
N ARG F 72 -6.21 -11.54 22.61
CA ARG F 72 -6.22 -12.98 22.46
C ARG F 72 -6.12 -13.31 20.98
N GLY F 73 -5.01 -13.92 20.58
CA GLY F 73 -4.79 -14.27 19.19
C GLY F 73 -3.67 -15.28 19.00
N GLN F 87 -10.54 -11.08 21.78
CA GLN F 87 -10.89 -10.00 22.69
C GLN F 87 -9.73 -9.03 22.88
N ASN F 88 -10.01 -7.89 23.51
CA ASN F 88 -9.03 -6.83 23.68
C ASN F 88 -9.26 -6.15 25.02
N ALA F 89 -8.20 -6.00 25.81
CA ALA F 89 -8.29 -5.39 27.12
C ALA F 89 -7.12 -4.42 27.33
N PRO F 90 -7.37 -3.27 27.93
CA PRO F 90 -6.31 -2.26 28.09
C PRO F 90 -5.41 -2.55 29.28
N SER F 91 -4.19 -2.02 29.19
CA SER F 91 -3.19 -2.23 30.23
C SER F 91 -2.16 -1.09 30.15
N VAL F 92 -1.13 -1.19 30.98
CA VAL F 92 0.00 -0.27 30.98
C VAL F 92 1.28 -1.09 30.92
N THR F 93 2.24 -0.63 30.14
CA THR F 93 3.50 -1.34 29.93
C THR F 93 4.66 -0.48 30.41
N LEU F 94 5.49 -1.03 31.29
CA LEU F 94 6.71 -0.39 31.73
C LEU F 94 7.82 -0.72 30.74
N GLY F 95 8.33 0.29 30.05
CA GLY F 95 9.37 0.08 29.07
C GLY F 95 10.75 0.00 29.69
N ARG F 96 11.48 1.11 29.66
CA ARG F 96 12.83 1.16 30.20
C ARG F 96 12.79 1.63 31.65
N LEU F 97 13.80 1.19 32.42
CA LEU F 97 13.95 1.59 33.82
C LEU F 97 15.43 1.47 34.16
N ALA F 98 16.03 2.58 34.59
CA ALA F 98 17.47 2.62 34.82
C ALA F 98 17.76 3.30 36.16
N ILE F 99 18.81 2.82 36.83
CA ILE F 99 19.26 3.37 38.11
C ILE F 99 20.76 3.62 38.01
N ASP F 100 21.19 4.83 38.36
CA ASP F 100 22.59 5.19 38.28
C ASP F 100 23.41 4.33 39.24
N LYS F 101 24.65 4.01 38.82
CA LYS F 101 25.51 3.16 39.64
C LYS F 101 25.75 3.74 41.03
N SER F 102 25.79 5.06 41.17
CA SER F 102 26.02 5.66 42.47
C SER F 102 25.00 5.19 43.50
N VAL F 103 23.76 4.97 43.09
CA VAL F 103 22.67 4.66 44.01
C VAL F 103 22.14 3.23 43.78
N GLN F 104 22.95 2.34 43.22
CA GLN F 104 22.51 0.98 43.00
C GLN F 104 22.70 0.15 44.28
N GLY F 105 21.96 -0.96 44.34
CA GLY F 105 22.03 -1.81 45.51
C GLY F 105 21.46 -1.20 46.77
N GLN F 106 20.64 -0.15 46.64
CA GLN F 106 20.05 0.51 47.80
C GLN F 106 18.54 0.40 47.82
N GLY F 107 17.94 -0.29 46.86
CA GLY F 107 16.51 -0.47 46.83
C GLY F 107 15.73 0.53 46.01
N TRP F 108 16.41 1.49 45.37
CA TRP F 108 15.69 2.48 44.58
C TRP F 108 15.06 1.86 43.33
N GLY F 109 15.64 0.78 42.82
CA GLY F 109 15.05 0.12 41.67
C GLY F 109 13.68 -0.45 41.96
N GLU F 110 13.52 -1.05 43.13
CA GLU F 110 12.21 -1.58 43.52
C GLU F 110 11.26 -0.47 43.94
N LEU F 112 11.13 2.47 42.52
CA LEU F 112 10.60 2.96 41.25
C LEU F 112 9.50 2.05 40.73
N VAL F 113 9.70 0.73 40.82
CA VAL F 113 8.65 -0.22 40.43
C VAL F 113 7.41 -0.02 41.29
N ALA F 114 7.61 0.25 42.59
CA ALA F 114 6.48 0.57 43.45
C ALA F 114 5.81 1.87 43.04
N HIS F 115 6.59 2.84 42.57
CA HIS F 115 6.00 4.07 42.07
C HIS F 115 5.30 3.87 40.74
N VAL F 116 5.78 2.93 39.91
CA VAL F 116 5.10 2.61 38.66
C VAL F 116 3.69 2.10 38.94
N ARG F 118 1.95 2.48 41.56
CA ARG F 118 1.17 3.57 42.14
C ARG F 118 0.53 4.42 41.06
N VAL F 119 1.27 4.69 39.98
CA VAL F 119 0.70 5.44 38.87
C VAL F 119 -0.31 4.59 38.11
N VAL F 120 -0.02 3.29 37.96
CA VAL F 120 -0.99 2.38 37.36
C VAL F 120 -2.26 2.32 38.21
N TRP F 121 -2.10 2.20 39.53
CA TRP F 121 -3.25 2.23 40.42
C TRP F 121 -4.02 3.53 40.30
N GLY F 122 -3.30 4.66 40.30
CA GLY F 122 -3.97 5.95 40.12
C GLY F 122 -4.65 6.05 38.77
N ALA F 123 -4.00 5.53 37.72
CA ALA F 123 -4.61 5.56 36.39
C ALA F 123 -5.83 4.65 36.32
N SER F 124 -5.78 3.50 37.00
CA SER F 124 -6.88 2.55 36.95
C SER F 124 -8.15 3.10 37.59
N LYS F 125 -8.04 4.11 38.44
CA LYS F 125 -9.22 4.71 39.07
C LYS F 125 -10.03 5.54 38.09
N ALA F 126 -9.43 5.98 36.99
CA ALA F 126 -10.10 6.86 36.03
C ALA F 126 -10.41 6.18 34.71
N VAL F 127 -9.57 5.24 34.27
CA VAL F 127 -9.82 4.45 33.07
C VAL F 127 -9.63 2.98 33.41
N GLY F 128 -10.25 2.12 32.61
CA GLY F 128 -10.11 0.69 32.81
C GLY F 128 -8.70 0.24 32.49
N ILE F 129 -8.02 -0.36 33.48
CA ILE F 129 -6.68 -0.90 33.29
C ILE F 129 -6.58 -2.18 34.10
N TYR F 130 -6.22 -3.28 33.43
CA TYR F 130 -6.26 -4.59 34.05
C TYR F 130 -4.94 -5.02 34.68
N GLY F 131 -3.84 -4.34 34.38
CA GLY F 131 -2.58 -4.70 34.98
C GLY F 131 -1.41 -4.00 34.31
N LEU F 132 -0.22 -4.44 34.71
CA LEU F 132 1.04 -3.83 34.30
C LEU F 132 1.90 -4.87 33.62
N PHE F 133 2.28 -4.61 32.37
CA PHE F 133 3.19 -5.47 31.63
C PHE F 133 4.61 -4.89 31.67
N VAL F 134 5.59 -5.78 31.60
CA VAL F 134 6.99 -5.39 31.49
C VAL F 134 7.70 -6.42 30.62
N GLU F 135 8.61 -5.94 29.78
CA GLU F 135 9.42 -6.81 28.93
C GLU F 135 10.80 -6.97 29.55
N ALA F 136 11.20 -8.21 29.81
CA ALA F 136 12.51 -8.51 30.39
C ALA F 136 13.46 -8.88 29.26
N LEU F 137 14.34 -7.93 28.91
CA LEU F 137 15.33 -8.16 27.87
C LEU F 137 16.19 -9.39 28.17
N ASN F 138 16.87 -9.38 29.31
CA ASN F 138 17.76 -10.47 29.69
C ASN F 138 17.18 -11.28 30.85
N GLU F 139 17.99 -12.19 31.39
CA GLU F 139 17.51 -13.05 32.46
C GLU F 139 17.71 -12.46 33.84
N LYS F 140 18.65 -11.52 34.01
CA LYS F 140 18.73 -10.77 35.27
C LYS F 140 17.50 -9.90 35.48
N ALA F 141 17.07 -9.18 34.43
CA ALA F 141 15.85 -8.40 34.52
C ALA F 141 14.65 -9.29 34.79
N LYS F 142 14.62 -10.49 34.20
CA LYS F 142 13.54 -11.42 34.45
C LYS F 142 13.53 -11.85 35.92
N ALA F 143 14.70 -12.14 36.48
CA ALA F 143 14.79 -12.47 37.90
C ALA F 143 14.41 -11.28 38.77
N PHE F 144 14.72 -10.06 38.33
CA PHE F 144 14.40 -8.87 39.10
C PHE F 144 12.90 -8.70 39.26
N TYR F 145 12.14 -8.88 38.17
CA TYR F 145 10.70 -8.68 38.24
C TYR F 145 9.98 -9.90 38.82
N LEU F 146 10.47 -11.10 38.50
CA LEU F 146 9.93 -12.30 39.12
C LEU F 146 10.04 -12.23 40.64
N ARG F 147 11.10 -11.60 41.14
CA ARG F 147 11.30 -11.50 42.58
C ARG F 147 10.24 -10.61 43.22
N LEU F 148 9.77 -9.59 42.51
CA LEU F 148 8.77 -8.66 43.01
C LEU F 148 7.34 -9.17 42.86
N GLY F 149 7.16 -10.38 42.33
CA GLY F 149 5.83 -10.96 42.20
C GLY F 149 5.26 -10.97 40.79
N PHE F 150 6.00 -10.49 39.80
CA PHE F 150 5.51 -10.51 38.43
C PHE F 150 5.36 -11.94 37.92
N ILE F 151 4.35 -12.16 37.10
CA ILE F 151 4.06 -13.47 36.52
C ILE F 151 4.60 -13.48 35.09
N GLN F 152 5.49 -14.41 34.81
CA GLN F 152 6.07 -14.53 33.47
C GLN F 152 5.14 -15.30 32.55
N LEU F 153 5.00 -14.82 31.32
CA LEU F 153 4.17 -15.46 30.32
C LEU F 153 5.02 -16.45 29.51
N VAL F 154 4.40 -17.14 28.57
CA VAL F 154 5.01 -18.32 27.97
C VAL F 154 5.14 -18.15 26.46
N ASP F 155 6.02 -19.00 25.88
CA ASP F 155 6.26 -19.09 24.45
C ASP F 155 6.61 -17.75 23.81
N GLU F 156 5.79 -17.30 22.85
CA GLU F 156 6.08 -16.06 22.15
C GLU F 156 6.10 -14.87 23.11
N ASN F 157 5.36 -14.96 24.22
CA ASN F 157 5.32 -13.91 25.22
C ASN F 157 6.19 -14.23 26.43
N SER F 158 7.24 -15.03 26.24
CA SER F 158 8.06 -15.49 27.36
C SER F 158 8.96 -14.40 27.93
N ASN F 159 9.15 -13.30 27.21
CA ASN F 159 9.88 -12.16 27.74
C ASN F 159 8.93 -11.01 28.11
N LEU F 160 7.73 -11.36 28.59
CA LEU F 160 6.80 -10.41 29.16
C LEU F 160 6.38 -10.89 30.53
N LEU F 161 6.31 -9.98 31.49
CA LEU F 161 5.81 -10.28 32.82
C LEU F 161 4.64 -9.37 33.13
N PHE F 162 3.72 -9.88 33.95
CA PHE F 162 2.45 -9.21 34.19
C PHE F 162 2.15 -9.18 35.68
N TYR F 163 1.60 -8.07 36.14
CA TYR F 163 1.14 -7.92 37.52
C TYR F 163 -0.25 -7.28 37.47
N PRO F 164 -1.27 -7.92 38.04
CA PRO F 164 -2.64 -7.40 37.89
C PRO F 164 -2.90 -6.19 38.76
N THR F 165 -3.91 -5.42 38.34
CA THR F 165 -4.28 -4.21 39.06
C THR F 165 -4.82 -4.52 40.46
N LYS F 166 -5.56 -5.62 40.60
CA LYS F 166 -6.13 -5.96 41.90
C LYS F 166 -5.05 -6.25 42.93
N SER F 167 -3.92 -6.81 42.51
CA SER F 167 -2.80 -6.98 43.43
C SER F 167 -2.20 -5.63 43.80
N ILE F 168 -2.13 -4.71 42.84
CA ILE F 168 -1.67 -3.36 43.14
C ILE F 168 -2.63 -2.68 44.13
N GLU F 169 -3.92 -2.98 44.01
CA GLU F 169 -4.90 -2.43 44.93
C GLU F 169 -4.61 -2.89 46.37
N GLN F 170 -4.34 -4.18 46.55
CA GLN F 170 -4.01 -4.69 47.87
C GLN F 170 -2.76 -4.03 48.45
N LEU F 171 -1.82 -3.63 47.59
CA LEU F 171 -0.51 -3.23 48.08
C LEU F 171 -0.54 -1.84 48.69
N PHE F 172 -1.33 -0.93 48.13
CA PHE F 172 -1.41 0.43 48.67
C PHE F 172 -2.58 0.64 49.61
N THR F 173 -3.69 -0.11 49.44
CA THR F 173 -4.71 -0.17 50.47
C THR F 173 -4.12 -0.58 51.81
N ASP F 174 -3.45 -1.74 51.85
CA ASP F 174 -2.90 -2.24 53.10
C ASP F 174 -1.86 -1.29 53.68
N ASP F 175 -1.11 -0.61 52.83
CA ASP F 175 -0.10 0.35 53.27
C ASP F 175 -0.71 1.73 53.47
#